data_6NM4
#
_entry.id   6NM4
#
_cell.length_a   38.026
_cell.length_b   74.800
_cell.length_c   141.435
_cell.angle_alpha   90.000
_cell.angle_beta   90.000
_cell.angle_gamma   90.000
#
_symmetry.space_group_name_H-M   'P 21 21 21'
#
loop_
_entity.id
_entity.type
_entity.pdbx_description
1 polymer 'Histone-lysine N-methyltransferase PRDM9'
2 non-polymer 'ZINC ION'
3 non-polymer S-ADENOSYLMETHIONINE
4 non-polymer 4-[3-(3,5-dimethoxyphenyl)-1,2,4-oxadiazol-5-yl]-1-methyl-9-(2-methylpyridin-4-yl)-1,4,9-triazaspiro[5.5]undecane
5 non-polymer 'UNKNOWN ATOM OR ION'
6 water water
#
_entity_poly.entity_id   1
_entity_poly.type   'polypeptide(L)'
_entity_poly.pdbx_seq_one_letter_code
;SEPQDDDYLYCEMCQNFFIDSCAAHGPPTFVKDSAVDKGHPNRSALSLPPGLRIGPSGIPQAGLGVWNEASDLPLGLHFG
PYEGRITEDEEAANNGYSWLITKGRNCYEYVDGKDKSWANWMRYVNCARDDEEQNLVAFQYHRQIFYRTCRVIRPGCELL
VWYGDEYGQELGIKWGSKWKKELMAGREPKP
;
_entity_poly.pdbx_strand_id   A,B
#
# COMPACT_ATOMS: atom_id res chain seq x y z
N SER A 1 -8.68 -5.40 15.58
CA SER A 1 -8.19 -4.28 16.44
C SER A 1 -7.59 -3.16 15.60
N GLU A 2 -7.02 -2.19 16.31
CA GLU A 2 -6.21 -1.13 15.70
C GLU A 2 -4.95 -1.73 15.03
N PRO A 3 -4.40 -1.06 14.01
CA PRO A 3 -3.05 -1.38 13.56
C PRO A 3 -2.03 -1.47 14.68
N GLN A 4 -1.21 -2.52 14.65
CA GLN A 4 -0.02 -2.61 15.50
C GLN A 4 1.08 -1.61 15.10
N ASP A 5 2.10 -1.43 15.95
CA ASP A 5 3.16 -0.44 15.68
C ASP A 5 3.92 -0.74 14.40
N ASP A 6 4.05 -2.03 14.06
CA ASP A 6 4.66 -2.44 12.81
C ASP A 6 3.65 -2.72 11.63
N ASP A 7 2.47 -2.10 11.69
CA ASP A 7 1.52 -2.16 10.58
C ASP A 7 1.50 -0.84 9.85
N TYR A 8 2.42 0.05 10.18
CA TYR A 8 2.51 1.37 9.55
C TYR A 8 3.66 1.41 8.56
N LEU A 9 3.48 2.15 7.47
CA LEU A 9 4.57 2.48 6.56
C LEU A 9 4.86 3.97 6.71
N TYR A 10 5.92 4.44 6.06
CA TYR A 10 6.37 5.82 6.24
C TYR A 10 6.64 6.44 4.91
N CYS A 11 6.05 7.61 4.67
CA CYS A 11 6.23 8.29 3.40
C CYS A 11 7.38 9.26 3.47
N GLU A 12 8.44 8.98 2.73
CA GLU A 12 9.65 9.76 2.91
C GLU A 12 9.52 11.19 2.38
N MET A 13 8.61 11.44 1.43
CA MET A 13 8.33 12.83 0.93
C MET A 13 7.48 13.73 1.86
N CYS A 14 6.37 13.22 2.36
CA CYS A 14 5.59 13.86 3.41
C CYS A 14 6.29 13.94 4.77
N GLN A 15 7.20 12.98 5.02
CA GLN A 15 7.76 12.77 6.36
C GLN A 15 6.69 12.43 7.40
N ASN A 16 5.73 11.62 7.02
CA ASN A 16 4.82 11.06 8.02
C ASN A 16 4.38 9.66 7.72
N PHE A 17 3.82 9.03 8.74
CA PHE A 17 3.34 7.66 8.68
C PHE A 17 1.98 7.59 8.01
N PHE A 18 1.68 6.42 7.45
CA PHE A 18 0.39 6.15 6.85
C PHE A 18 0.08 4.66 6.99
N ILE A 19 -1.15 4.29 6.63
CA ILE A 19 -1.55 2.89 6.68
C ILE A 19 -1.40 2.17 5.33
N ASP A 20 -2.31 2.35 4.35
CA ASP A 20 -2.17 1.58 3.10
C ASP A 20 -1.51 2.39 2.00
N SER A 21 -1.88 3.65 1.91
CA SER A 21 -1.33 4.55 0.93
C SER A 21 -1.25 5.96 1.49
N CYS A 22 -0.23 6.69 1.07
CA CYS A 22 -0.12 8.10 1.32
C CYS A 22 -1.09 8.78 0.37
N ALA A 23 -1.88 9.69 0.90
CA ALA A 23 -2.91 10.37 0.12
C ALA A 23 -2.32 11.22 -0.99
N ALA A 24 -1.05 11.59 -0.86
CA ALA A 24 -0.38 12.38 -1.92
C ALA A 24 0.58 11.57 -2.78
N HIS A 25 1.17 10.49 -2.28
CA HIS A 25 2.24 9.78 -3.04
C HIS A 25 2.03 8.27 -3.21
N GLY A 26 0.88 7.76 -2.77
CA GLY A 26 0.44 6.43 -3.11
C GLY A 26 0.98 5.33 -2.23
N PRO A 27 0.57 4.10 -2.50
CA PRO A 27 1.18 3.04 -1.73
C PRO A 27 2.62 2.93 -2.15
N PRO A 28 3.45 2.36 -1.30
CA PRO A 28 4.83 2.18 -1.69
C PRO A 28 5.04 1.05 -2.74
N THR A 29 6.23 0.99 -3.32
CA THR A 29 6.55 -0.05 -4.29
C THR A 29 7.47 -1.09 -3.63
N PHE A 30 7.00 -2.33 -3.56
CA PHE A 30 7.81 -3.45 -3.02
C PHE A 30 8.52 -4.19 -4.16
N VAL A 31 9.84 -4.28 -4.11
CA VAL A 31 10.59 -5.03 -5.11
C VAL A 31 10.74 -6.48 -4.71
N LYS A 32 10.34 -7.39 -5.60
CA LYS A 32 10.44 -8.81 -5.25
C LYS A 32 11.87 -9.36 -5.57
N ASP A 33 12.39 -10.16 -4.63
CA ASP A 33 13.56 -10.98 -4.82
C ASP A 33 13.36 -11.87 -6.03
N SER A 34 14.45 -12.26 -6.67
CA SER A 34 14.42 -13.34 -7.64
C SER A 34 14.13 -14.67 -6.91
N ALA A 35 13.33 -15.54 -7.50
CA ALA A 35 12.85 -16.73 -6.78
C ALA A 35 13.96 -17.78 -6.67
N VAL A 36 14.10 -18.34 -5.47
CA VAL A 36 15.08 -19.39 -5.22
C VAL A 36 14.62 -20.32 -4.09
N ASP A 37 14.74 -21.63 -4.30
CA ASP A 37 14.38 -22.59 -3.26
C ASP A 37 15.15 -22.24 -1.99
N LYS A 38 14.45 -22.19 -0.85
CA LYS A 38 15.12 -22.08 0.45
C LYS A 38 16.07 -23.28 0.63
N GLY A 39 17.22 -23.03 1.24
CA GLY A 39 18.18 -24.12 1.53
C GLY A 39 19.23 -24.30 0.45
N HIS A 40 19.01 -23.67 -0.69
CA HIS A 40 19.90 -23.73 -1.84
C HIS A 40 21.24 -23.03 -1.51
N PRO A 41 22.38 -23.68 -1.84
CA PRO A 41 23.65 -23.25 -1.21
C PRO A 41 24.13 -21.83 -1.55
N ASN A 42 23.80 -21.32 -2.74
CA ASN A 42 24.14 -19.92 -3.09
C ASN A 42 22.88 -19.05 -3.22
N ARG A 43 21.93 -19.28 -2.34
CA ARG A 43 20.62 -18.67 -2.47
C ARG A 43 20.67 -17.16 -2.34
N SER A 44 21.41 -16.68 -1.35
CA SER A 44 21.57 -15.27 -1.09
C SER A 44 21.96 -14.50 -2.32
N ALA A 45 23.08 -14.84 -2.90
CA ALA A 45 23.50 -14.27 -4.17
C ALA A 45 22.44 -14.39 -5.27
N LEU A 46 21.86 -15.58 -5.43
CA LEU A 46 20.89 -15.81 -6.49
C LEU A 46 19.57 -15.04 -6.33
N SER A 47 19.19 -14.70 -5.10
CA SER A 47 17.92 -13.98 -4.82
C SER A 47 17.91 -12.53 -5.26
N LEU A 48 19.11 -11.99 -5.48
CA LEU A 48 19.31 -10.58 -5.85
C LEU A 48 18.31 -10.12 -6.92
N PRO A 49 17.65 -8.96 -6.71
CA PRO A 49 16.77 -8.47 -7.77
C PRO A 49 17.57 -8.07 -8.96
N PRO A 50 16.97 -8.12 -10.16
CA PRO A 50 17.62 -7.54 -11.35
C PRO A 50 17.90 -6.06 -11.15
N GLY A 51 18.92 -5.54 -11.80
CA GLY A 51 19.32 -4.15 -11.64
C GLY A 51 20.37 -3.93 -10.57
N LEU A 52 20.60 -4.90 -9.71
CA LEU A 52 21.59 -4.74 -8.65
C LEU A 52 22.79 -5.66 -8.86
N ARG A 53 23.93 -5.30 -8.28
CA ARG A 53 25.12 -6.14 -8.35
C ARG A 53 25.80 -6.20 -6.98
N ILE A 54 26.19 -7.40 -6.60
CA ILE A 54 27.01 -7.58 -5.43
C ILE A 54 28.47 -7.44 -5.84
N GLY A 55 29.26 -6.79 -5.00
CA GLY A 55 30.65 -6.52 -5.31
C GLY A 55 31.38 -5.92 -4.12
N PRO A 56 32.72 -5.83 -4.20
CA PRO A 56 33.53 -5.17 -3.18
C PRO A 56 32.91 -3.85 -2.73
N SER A 57 32.83 -3.64 -1.42
CA SER A 57 32.23 -2.41 -0.91
C SER A 57 33.12 -1.18 -1.15
N GLY A 58 32.51 -0.03 -1.42
CA GLY A 58 33.19 1.25 -1.44
C GLY A 58 33.70 1.66 -0.07
N ILE A 59 33.18 1.03 0.98
CA ILE A 59 33.67 1.24 2.33
C ILE A 59 34.88 0.33 2.58
N PRO A 60 36.06 0.90 2.82
CA PRO A 60 37.27 0.07 2.97
C PRO A 60 37.17 -0.98 4.08
N GLN A 61 37.83 -2.11 3.89
CA GLN A 61 37.81 -3.23 4.84
C GLN A 61 36.41 -3.68 5.27
N ALA A 62 35.42 -3.56 4.38
CA ALA A 62 34.06 -3.92 4.77
C ALA A 62 33.45 -5.02 3.92
N GLY A 63 34.30 -5.92 3.42
CA GLY A 63 33.87 -7.02 2.56
C GLY A 63 33.05 -6.56 1.36
N LEU A 64 31.98 -7.31 1.12
CA LEU A 64 31.11 -7.09 -0.03
C LEU A 64 29.99 -6.11 0.29
N GLY A 65 29.44 -5.54 -0.77
CA GLY A 65 28.33 -4.61 -0.69
C GLY A 65 27.39 -4.84 -1.84
N VAL A 66 26.31 -4.06 -1.92
CA VAL A 66 25.37 -4.20 -3.02
C VAL A 66 25.27 -2.85 -3.67
N TRP A 67 25.20 -2.85 -5.00
CA TRP A 67 25.32 -1.64 -5.76
C TRP A 67 24.18 -1.57 -6.75
N ASN A 68 23.71 -0.36 -7.04
CA ASN A 68 22.68 -0.15 -8.05
C ASN A 68 23.37 -0.06 -9.39
N GLU A 69 22.78 -0.64 -10.44
CA GLU A 69 23.34 -0.53 -11.79
C GLU A 69 22.33 -0.12 -12.83
N ALA A 70 21.26 -0.89 -13.00
CA ALA A 70 20.28 -0.62 -14.05
C ALA A 70 19.96 0.87 -14.16
N SER A 71 19.13 1.38 -13.25
CA SER A 71 18.68 2.75 -13.38
C SER A 71 18.36 3.34 -12.00
N ASP A 72 17.93 4.60 -12.00
CA ASP A 72 17.61 5.34 -10.78
C ASP A 72 16.63 4.54 -9.91
N LEU A 73 16.98 4.30 -8.66
CA LEU A 73 16.01 3.79 -7.70
C LEU A 73 15.27 4.98 -7.07
N PRO A 74 13.93 5.02 -7.21
CA PRO A 74 13.22 6.17 -6.66
C PRO A 74 13.03 6.14 -5.15
N LEU A 75 12.48 7.22 -4.62
CA LEU A 75 12.12 7.27 -3.20
C LEU A 75 11.00 6.32 -2.90
N GLY A 76 11.02 5.79 -1.66
CA GLY A 76 9.99 4.86 -1.18
C GLY A 76 9.91 3.52 -1.90
N LEU A 77 11.08 3.06 -2.33
CA LEU A 77 11.24 1.73 -2.88
C LEU A 77 11.59 0.86 -1.69
N HIS A 78 10.88 -0.26 -1.56
CA HIS A 78 11.02 -1.15 -0.41
C HIS A 78 11.61 -2.50 -0.86
N PHE A 79 12.69 -2.92 -0.22
CA PHE A 79 13.27 -4.23 -0.45
C PHE A 79 12.99 -5.10 0.73
N GLY A 80 12.82 -6.40 0.46
CA GLY A 80 12.76 -7.40 1.52
C GLY A 80 11.57 -8.28 1.35
N PRO A 81 11.24 -9.10 2.33
CA PRO A 81 11.84 -9.09 3.68
C PRO A 81 13.23 -9.65 3.78
N TYR A 82 13.95 -9.28 4.83
CA TYR A 82 15.24 -9.85 5.15
C TYR A 82 14.96 -11.29 5.55
N GLU A 83 15.56 -12.24 4.82
CA GLU A 83 15.32 -13.65 5.09
C GLU A 83 16.47 -14.22 5.90
N GLY A 84 16.20 -15.34 6.58
CA GLY A 84 17.17 -15.97 7.44
C GLY A 84 16.52 -16.97 8.35
N ARG A 85 17.31 -17.53 9.26
CA ARG A 85 16.82 -18.40 10.33
C ARG A 85 16.25 -17.57 11.48
N ILE A 86 15.09 -17.95 12.00
CA ILE A 86 14.47 -17.26 13.14
C ILE A 86 14.88 -17.92 14.45
N THR A 87 15.34 -17.11 15.41
CA THR A 87 15.99 -17.59 16.64
C THR A 87 15.64 -16.70 17.84
N GLU A 88 15.54 -17.28 19.04
CA GLU A 88 15.43 -16.49 20.29
C GLU A 88 16.73 -16.49 21.11
N ASP A 89 17.74 -17.28 20.71
CA ASP A 89 19.07 -17.23 21.32
C ASP A 89 19.78 -15.87 21.10
N GLU A 90 20.33 -15.32 22.17
CA GLU A 90 21.12 -14.08 22.13
C GLU A 90 22.42 -14.25 21.34
N GLU A 91 22.98 -15.46 21.35
CA GLU A 91 24.17 -15.81 20.56
C GLU A 91 24.14 -15.31 19.10
N ALA A 92 22.94 -15.20 18.52
CA ALA A 92 22.77 -14.73 17.14
C ALA A 92 23.07 -13.22 16.95
N ALA A 93 22.76 -12.43 17.97
CA ALA A 93 22.97 -10.97 17.92
C ALA A 93 24.44 -10.64 17.76
N ASN A 94 24.75 -9.66 16.93
CA ASN A 94 26.15 -9.26 16.69
C ASN A 94 27.02 -10.43 16.22
N ASN A 95 26.48 -11.27 15.35
CA ASN A 95 27.31 -12.12 14.48
C ASN A 95 27.54 -11.42 13.13
N GLY A 96 27.02 -10.21 12.97
CA GLY A 96 27.15 -9.45 11.74
C GLY A 96 25.92 -9.48 10.85
N TYR A 97 25.02 -10.45 11.01
CA TYR A 97 23.94 -10.70 10.02
C TYR A 97 22.53 -10.82 10.64
N SER A 98 22.38 -10.41 11.89
CA SER A 98 21.11 -10.58 12.60
C SER A 98 20.43 -9.24 12.82
N TRP A 99 19.12 -9.22 12.62
CA TRP A 99 18.31 -8.06 12.92
C TRP A 99 17.33 -8.44 14.02
N LEU A 100 16.96 -7.46 14.81
CA LEU A 100 16.03 -7.66 15.88
C LEU A 100 14.62 -7.59 15.30
N ILE A 101 13.77 -8.54 15.67
CA ILE A 101 12.35 -8.46 15.36
C ILE A 101 11.60 -8.24 16.67
N THR A 102 10.87 -7.15 16.74
CA THR A 102 10.10 -6.81 17.93
C THR A 102 8.75 -7.52 17.96
N LYS A 103 8.53 -8.27 19.04
CA LYS A 103 7.34 -9.12 19.24
C LYS A 103 6.41 -8.60 20.38
N GLY A 104 6.82 -7.55 21.06
CA GLY A 104 6.03 -7.03 22.17
C GLY A 104 6.74 -5.92 22.94
N ARG A 105 6.22 -5.62 24.14
CA ARG A 105 6.88 -4.67 25.05
C ARG A 105 8.24 -5.29 25.41
N ASN A 106 9.28 -4.67 24.86
CA ASN A 106 10.69 -5.09 25.02
C ASN A 106 10.88 -6.60 24.91
N CYS A 107 10.30 -7.19 23.87
CA CYS A 107 10.32 -8.63 23.64
C CYS A 107 10.77 -8.82 22.19
N TYR A 108 11.72 -9.72 21.95
CA TYR A 108 12.38 -9.79 20.66
C TYR A 108 12.70 -11.20 20.20
N GLU A 109 12.98 -11.28 18.92
CA GLU A 109 13.42 -12.47 18.19
C GLU A 109 14.50 -11.96 17.27
N TYR A 110 15.36 -12.85 16.81
CA TYR A 110 16.37 -12.45 15.85
C TYR A 110 16.09 -13.16 14.54
N VAL A 111 16.33 -12.45 13.43
CA VAL A 111 16.38 -13.06 12.11
C VAL A 111 17.85 -13.04 11.69
N ASP A 112 18.44 -14.24 11.59
CA ASP A 112 19.89 -14.46 11.45
C ASP A 112 20.23 -14.82 10.00
N GLY A 113 20.81 -13.88 9.26
CA GLY A 113 21.10 -14.13 7.86
C GLY A 113 22.52 -14.62 7.58
N LYS A 114 23.20 -15.18 8.57
CA LYS A 114 24.58 -15.57 8.38
C LYS A 114 24.66 -16.69 7.38
N ASP A 115 23.81 -17.70 7.57
CA ASP A 115 23.83 -18.86 6.71
C ASP A 115 23.27 -18.51 5.33
N LYS A 116 24.15 -18.55 4.33
CA LYS A 116 23.85 -18.10 2.97
C LYS A 116 22.70 -18.89 2.33
N SER A 117 22.57 -20.14 2.71
CA SER A 117 21.54 -21.01 2.13
C SER A 117 20.13 -20.68 2.61
N TRP A 118 20.02 -19.92 3.70
CA TRP A 118 18.72 -19.53 4.26
C TRP A 118 18.43 -18.05 4.12
N ALA A 119 19.43 -17.25 3.86
CA ALA A 119 19.27 -15.81 3.82
C ALA A 119 18.88 -15.32 2.42
N ASN A 120 18.73 -14.01 2.27
CA ASN A 120 18.65 -13.42 0.94
C ASN A 120 19.77 -12.41 0.71
N TRP A 121 19.74 -11.78 -0.46
CA TRP A 121 20.77 -10.85 -0.90
C TRP A 121 20.98 -9.68 0.06
N MET A 122 19.98 -9.38 0.88
CA MET A 122 20.07 -8.21 1.75
C MET A 122 21.14 -8.38 2.82
N ARG A 123 21.59 -9.61 3.02
CA ARG A 123 22.71 -9.87 3.92
C ARG A 123 24.00 -9.21 3.40
N TYR A 124 24.07 -8.90 2.12
CA TYR A 124 25.28 -8.33 1.54
C TYR A 124 25.29 -6.80 1.58
N VAL A 125 24.20 -6.17 2.02
CA VAL A 125 24.13 -4.71 2.12
C VAL A 125 24.92 -4.18 3.32
N ASN A 126 25.84 -3.29 3.08
CA ASN A 126 26.63 -2.68 4.18
C ASN A 126 25.90 -1.53 4.90
N CYS A 127 26.43 -1.14 6.06
CA CYS A 127 25.84 -0.03 6.81
C CYS A 127 26.47 1.30 6.47
N ALA A 128 25.63 2.31 6.31
CA ALA A 128 26.09 3.69 6.23
C ALA A 128 26.90 4.07 7.46
N ARG A 129 27.91 4.92 7.25
CA ARG A 129 28.71 5.46 8.34
C ARG A 129 28.15 6.79 8.87
N ASP A 130 27.36 7.46 8.04
CA ASP A 130 26.78 8.74 8.41
C ASP A 130 25.50 8.97 7.62
N ASP A 131 24.72 9.94 8.06
CA ASP A 131 23.44 10.24 7.43
C ASP A 131 23.59 10.64 5.95
N GLU A 132 24.72 11.26 5.61
CA GLU A 132 24.89 11.80 4.25
C GLU A 132 25.03 10.70 3.16
N GLU A 133 25.77 9.63 3.45
CA GLU A 133 25.88 8.50 2.50
C GLU A 133 24.78 7.44 2.66
N GLN A 134 23.98 7.53 3.72
CA GLN A 134 22.88 6.59 3.93
C GLN A 134 21.79 6.81 2.89
N ASN A 135 21.45 5.75 2.17
CA ASN A 135 20.31 5.79 1.25
C ASN A 135 19.24 4.72 1.50
N LEU A 136 19.42 3.88 2.52
CA LEU A 136 18.37 2.94 2.93
C LEU A 136 18.07 3.02 4.43
N VAL A 137 16.80 2.85 4.78
CA VAL A 137 16.37 2.74 6.17
C VAL A 137 15.79 1.35 6.46
N ALA A 138 16.41 0.65 7.39
CA ALA A 138 15.89 -0.61 7.85
C ALA A 138 14.78 -0.34 8.84
N PHE A 139 13.63 -0.96 8.63
CA PHE A 139 12.54 -0.84 9.59
C PHE A 139 11.69 -2.08 9.63
N GLN A 140 10.96 -2.26 10.72
CA GLN A 140 10.08 -3.41 10.86
C GLN A 140 8.68 -3.13 10.33
N TYR A 141 8.18 -4.09 9.56
CA TYR A 141 6.85 -4.06 8.97
C TYR A 141 6.36 -5.50 8.95
N HIS A 142 5.19 -5.76 9.52
CA HIS A 142 4.63 -7.11 9.60
C HIS A 142 5.66 -8.11 10.17
N ARG A 143 6.22 -7.84 11.34
CA ARG A 143 7.17 -8.76 11.99
C ARG A 143 8.35 -9.16 11.10
N GLN A 144 8.72 -8.27 10.19
CA GLN A 144 9.81 -8.51 9.28
C GLN A 144 10.57 -7.22 9.03
N ILE A 145 11.84 -7.37 8.62
CA ILE A 145 12.67 -6.23 8.31
C ILE A 145 12.68 -5.95 6.81
N PHE A 146 12.45 -4.69 6.45
CA PHE A 146 12.55 -4.19 5.07
C PHE A 146 13.54 -3.03 5.04
N TYR A 147 14.14 -2.78 3.86
CA TYR A 147 14.99 -1.61 3.66
C TYR A 147 14.27 -0.69 2.68
N ARG A 148 14.03 0.57 3.04
CA ARG A 148 13.41 1.49 2.07
C ARG A 148 14.37 2.59 1.66
N THR A 149 14.27 3.04 0.42
CA THR A 149 15.09 4.15 -0.07
C THR A 149 14.66 5.46 0.60
N CYS A 150 15.67 6.19 1.07
CA CYS A 150 15.49 7.51 1.64
C CYS A 150 16.29 8.56 0.83
N ARG A 151 16.86 8.15 -0.29
CA ARG A 151 17.34 9.08 -1.33
C ARG A 151 17.03 8.45 -2.66
N VAL A 152 17.09 9.22 -3.73
CA VAL A 152 17.12 8.61 -5.04
C VAL A 152 18.52 8.04 -5.18
N ILE A 153 18.65 6.78 -5.58
CA ILE A 153 19.94 6.15 -5.74
C ILE A 153 20.25 6.04 -7.24
N ARG A 154 21.29 6.76 -7.67
CA ARG A 154 21.70 6.73 -9.05
C ARG A 154 22.45 5.44 -9.38
N PRO A 155 22.52 5.08 -10.69
CA PRO A 155 23.36 3.96 -11.11
C PRO A 155 24.79 4.20 -10.69
N GLY A 156 25.46 3.16 -10.23
CA GLY A 156 26.82 3.24 -9.78
C GLY A 156 26.96 3.38 -8.29
N CYS A 157 25.89 3.69 -7.55
CA CYS A 157 26.00 3.92 -6.10
C CYS A 157 25.70 2.70 -5.26
N GLU A 158 26.45 2.57 -4.16
CA GLU A 158 26.27 1.48 -3.23
C GLU A 158 25.04 1.73 -2.39
N LEU A 159 24.28 0.67 -2.13
CA LEU A 159 23.20 0.70 -1.16
C LEU A 159 23.83 0.67 0.25
N LEU A 160 23.54 1.70 1.04
CA LEU A 160 24.04 1.81 2.40
C LEU A 160 22.90 2.06 3.38
N VAL A 161 22.85 1.25 4.45
CA VAL A 161 21.68 1.20 5.30
C VAL A 161 21.96 1.53 6.75
N TRP A 162 20.98 2.10 7.41
CA TRP A 162 20.99 2.21 8.86
C TRP A 162 19.53 2.33 9.27
N TYR A 163 19.29 2.54 10.55
CA TYR A 163 17.96 2.50 11.14
C TYR A 163 17.70 3.62 12.11
N GLY A 164 16.47 3.68 12.62
CA GLY A 164 16.05 4.69 13.59
C GLY A 164 14.82 4.26 14.39
N ASP A 165 13.80 5.11 14.48
CA ASP A 165 12.68 4.94 15.41
C ASP A 165 11.86 3.66 15.20
N GLU A 166 11.86 3.19 13.96
CA GLU A 166 10.97 2.13 13.57
C GLU A 166 11.61 0.76 13.66
N TYR A 167 12.76 0.67 14.33
CA TYR A 167 13.46 -0.59 14.40
C TYR A 167 13.89 -0.92 15.82
N GLY A 168 13.84 -2.22 16.14
CA GLY A 168 14.56 -2.75 17.28
C GLY A 168 14.24 -2.14 18.61
N GLN A 169 15.30 -1.70 19.33
CA GLN A 169 15.22 -1.25 20.71
C GLN A 169 14.21 -0.11 20.92
N GLU A 170 14.30 0.93 20.10
CA GLU A 170 13.39 2.06 20.21
C GLU A 170 11.96 1.61 19.93
N LEU A 171 11.80 0.67 19.00
CA LEU A 171 10.47 0.17 18.67
C LEU A 171 9.95 -0.68 19.83
N GLY A 172 10.80 -1.50 20.40
CA GLY A 172 10.41 -2.38 21.50
C GLY A 172 10.08 -1.68 22.81
N ILE A 173 10.78 -0.60 23.12
CA ILE A 173 10.58 0.14 24.36
C ILE A 173 9.25 0.88 24.31
N LYS A 174 8.90 1.42 23.15
CA LYS A 174 7.66 2.17 22.97
C LYS A 174 6.46 1.30 22.52
N TRP A 175 6.62 -0.02 22.50
CA TRP A 175 5.65 -0.86 21.83
C TRP A 175 4.28 -0.83 22.49
N GLY A 176 3.25 -0.66 21.68
CA GLY A 176 1.87 -0.56 22.16
C GLY A 176 1.40 0.86 22.44
N SER A 177 2.32 1.81 22.39
CA SER A 177 2.03 3.19 22.75
C SER A 177 1.42 4.01 21.64
N LYS A 178 1.17 3.42 20.45
CA LYS A 178 0.40 4.08 19.34
C LYS A 178 0.99 5.42 18.92
N TRP A 179 2.30 5.52 19.00
CA TRP A 179 3.01 6.77 18.75
C TRP A 179 3.06 7.21 17.30
N LYS A 180 2.93 6.28 16.35
CA LYS A 180 2.95 6.66 14.92
C LYS A 180 1.62 7.28 14.50
N LYS A 181 0.53 6.78 15.08
CA LYS A 181 -0.83 7.38 14.95
C LYS A 181 -0.83 8.90 15.13
N GLU A 182 -0.02 9.38 16.07
CA GLU A 182 0.08 10.81 16.36
C GLU A 182 0.74 11.59 15.22
N LEU A 183 1.61 10.94 14.45
CA LEU A 183 2.44 11.63 13.45
C LEU A 183 1.95 11.48 11.99
N MET A 184 0.64 11.35 11.79
CA MET A 184 0.08 11.22 10.42
C MET A 184 -0.17 12.57 9.66
N ALA A 185 -0.89 13.52 10.29
CA ALA A 185 -0.93 14.96 9.89
C ALA A 185 -2.08 15.72 10.59
N GLU B 2 -28.05 7.90 15.94
CA GLU B 2 -26.88 8.71 15.46
C GLU B 2 -26.17 8.03 14.26
N PRO B 3 -26.27 8.64 13.06
CA PRO B 3 -25.59 8.10 11.89
C PRO B 3 -24.11 7.88 12.11
N GLN B 4 -23.60 6.74 11.63
CA GLN B 4 -22.14 6.51 11.57
C GLN B 4 -21.51 7.34 10.42
N ASP B 5 -20.17 7.47 10.42
CA ASP B 5 -19.49 8.35 9.44
C ASP B 5 -19.67 7.87 8.01
N ASP B 6 -19.84 6.56 7.83
CA ASP B 6 -20.12 5.97 6.54
C ASP B 6 -21.62 5.69 6.29
N ASP B 7 -22.51 6.45 6.94
CA ASP B 7 -23.95 6.42 6.60
C ASP B 7 -24.32 7.67 5.81
N TYR B 8 -23.30 8.47 5.46
CA TYR B 8 -23.50 9.69 4.71
C TYR B 8 -23.10 9.47 3.25
N LEU B 9 -23.84 10.13 2.35
CA LEU B 9 -23.43 10.28 0.96
C LEU B 9 -23.06 11.73 0.75
N TYR B 10 -22.52 12.05 -0.41
CA TYR B 10 -22.04 13.39 -0.69
C TYR B 10 -22.58 13.80 -2.04
N CYS B 11 -23.23 14.96 -2.07
CA CYS B 11 -23.84 15.44 -3.30
C CYS B 11 -22.89 16.35 -4.05
N GLU B 12 -22.47 15.90 -5.22
CA GLU B 12 -21.46 16.62 -5.95
C GLU B 12 -21.92 17.98 -6.46
N MET B 13 -23.23 18.14 -6.68
CA MET B 13 -23.83 19.43 -7.11
C MET B 13 -23.97 20.51 -6.01
N CYS B 14 -24.51 20.14 -4.85
CA CYS B 14 -24.49 20.99 -3.66
C CYS B 14 -23.10 21.22 -3.07
N GLN B 15 -22.20 20.26 -3.28
CA GLN B 15 -20.93 20.18 -2.57
C GLN B 15 -21.13 20.07 -1.05
N ASN B 16 -22.11 19.28 -0.63
CA ASN B 16 -22.20 18.94 0.79
C ASN B 16 -22.76 17.55 1.00
N PHE B 17 -22.61 17.07 2.22
CA PHE B 17 -23.06 15.75 2.62
C PHE B 17 -24.55 15.73 2.90
N PHE B 18 -25.14 14.55 2.83
CA PHE B 18 -26.56 14.34 3.16
C PHE B 18 -26.76 12.90 3.61
N ILE B 19 -27.99 12.50 3.96
CA ILE B 19 -28.23 11.15 4.45
C ILE B 19 -28.75 10.15 3.39
N ASP B 20 -30.05 10.10 3.10
CA ASP B 20 -30.57 9.06 2.17
C ASP B 20 -30.86 9.68 0.80
N SER B 21 -31.39 10.89 0.83
CA SER B 21 -31.57 11.68 -0.37
C SER B 21 -31.24 13.15 -0.05
N CYS B 22 -30.67 13.84 -1.03
CA CYS B 22 -30.45 15.26 -0.96
C CYS B 22 -31.79 15.93 -1.20
N ALA B 23 -32.15 16.89 -0.35
CA ALA B 23 -33.45 17.54 -0.48
C ALA B 23 -33.57 18.34 -1.78
N ALA B 24 -32.43 18.69 -2.37
CA ALA B 24 -32.39 19.42 -3.63
C ALA B 24 -32.17 18.57 -4.89
N HIS B 25 -31.45 17.45 -4.80
CA HIS B 25 -31.14 16.64 -6.00
C HIS B 25 -31.53 15.16 -5.95
N GLY B 26 -32.11 14.74 -4.83
CA GLY B 26 -32.74 13.42 -4.75
C GLY B 26 -31.77 12.35 -4.32
N PRO B 27 -32.24 11.10 -4.24
CA PRO B 27 -31.25 10.06 -3.96
C PRO B 27 -30.33 9.98 -5.14
N PRO B 28 -29.11 9.54 -4.90
CA PRO B 28 -28.19 9.47 -6.03
C PRO B 28 -28.53 8.28 -6.95
N THR B 29 -27.92 8.23 -8.12
CA THR B 29 -28.15 7.12 -9.01
C THR B 29 -27.04 6.06 -8.80
N PHE B 30 -27.45 4.89 -8.34
CA PHE B 30 -26.58 3.72 -8.21
C PHE B 30 -26.67 2.84 -9.45
N VAL B 31 -25.56 2.60 -10.13
CA VAL B 31 -25.53 1.73 -11.30
C VAL B 31 -25.25 0.30 -10.90
N LYS B 32 -26.10 -0.62 -11.33
CA LYS B 32 -25.91 -2.02 -10.97
C LYS B 32 -24.96 -2.71 -11.96
N ASP B 33 -24.07 -3.55 -11.39
CA ASP B 33 -23.23 -4.47 -12.16
C ASP B 33 -24.12 -5.36 -13.02
N SER B 34 -23.56 -5.85 -14.11
CA SER B 34 -24.20 -6.92 -14.87
C SER B 34 -24.16 -8.21 -14.04
N ALA B 35 -25.25 -8.98 -14.06
CA ALA B 35 -25.39 -10.15 -13.21
C ALA B 35 -24.51 -11.28 -13.73
N VAL B 36 -23.78 -11.93 -12.83
CA VAL B 36 -22.96 -13.09 -13.19
C VAL B 36 -22.54 -13.93 -11.95
N ASP B 37 -22.65 -15.25 -12.11
CA ASP B 37 -22.28 -16.23 -11.10
C ASP B 37 -20.97 -15.83 -10.40
N LYS B 38 -21.01 -15.77 -9.07
CA LYS B 38 -19.76 -15.71 -8.29
C LYS B 38 -18.93 -16.96 -8.60
N GLY B 39 -17.61 -16.79 -8.67
CA GLY B 39 -16.69 -17.90 -8.81
C GLY B 39 -16.31 -18.19 -10.24
N HIS B 40 -17.00 -17.54 -11.18
CA HIS B 40 -16.69 -17.69 -12.61
C HIS B 40 -15.31 -17.06 -12.91
N PRO B 41 -14.44 -17.76 -13.67
CA PRO B 41 -13.06 -17.25 -13.84
C PRO B 41 -12.92 -15.86 -14.51
N ASN B 42 -13.88 -15.48 -15.37
CA ASN B 42 -13.89 -14.17 -16.01
C ASN B 42 -15.06 -13.29 -15.51
N ARG B 43 -15.41 -13.47 -14.25
CA ARG B 43 -16.52 -12.78 -13.64
C ARG B 43 -16.31 -11.27 -13.62
N SER B 44 -15.12 -10.85 -13.19
CA SER B 44 -14.81 -9.43 -13.06
C SER B 44 -15.08 -8.70 -14.35
N ALA B 45 -14.48 -9.17 -15.43
CA ALA B 45 -14.76 -8.60 -16.76
C ALA B 45 -16.26 -8.64 -17.11
N LEU B 46 -16.90 -9.78 -16.87
CA LEU B 46 -18.29 -9.94 -17.24
C LEU B 46 -19.27 -9.08 -16.44
N SER B 47 -18.92 -8.70 -15.21
CA SER B 47 -19.79 -7.87 -14.35
C SER B 47 -19.96 -6.42 -14.81
N LEU B 48 -19.04 -5.99 -15.70
CA LEU B 48 -19.02 -4.63 -16.20
C LEU B 48 -20.40 -4.10 -16.60
N PRO B 49 -20.75 -2.89 -16.14
CA PRO B 49 -22.05 -2.36 -16.57
C PRO B 49 -22.03 -2.07 -18.04
N PRO B 50 -23.22 -2.07 -18.68
CA PRO B 50 -23.32 -1.62 -20.07
C PRO B 50 -22.86 -0.16 -20.20
N GLY B 51 -22.37 0.22 -21.37
CA GLY B 51 -21.85 1.57 -21.60
C GLY B 51 -20.35 1.68 -21.38
N LEU B 52 -19.75 0.70 -20.71
CA LEU B 52 -18.33 0.78 -20.35
C LEU B 52 -17.52 -0.26 -21.08
N ARG B 53 -16.22 -0.06 -21.19
CA ARG B 53 -15.34 -1.00 -21.87
C ARG B 53 -14.04 -1.19 -21.08
N ILE B 54 -13.64 -2.44 -20.85
CA ILE B 54 -12.34 -2.72 -20.27
C ILE B 54 -11.34 -2.82 -21.40
N GLY B 55 -10.15 -2.27 -21.20
CA GLY B 55 -9.10 -2.42 -22.20
C GLY B 55 -7.80 -1.77 -21.74
N PRO B 56 -6.75 -1.88 -22.57
CA PRO B 56 -5.48 -1.24 -22.28
C PRO B 56 -5.65 0.18 -21.78
N SER B 57 -4.94 0.53 -20.71
CA SER B 57 -5.08 1.87 -20.13
C SER B 57 -4.37 2.91 -20.99
N GLY B 58 -4.94 4.11 -21.07
CA GLY B 58 -4.24 5.24 -21.67
C GLY B 58 -3.03 5.68 -20.87
N ILE B 59 -2.94 5.22 -19.62
CA ILE B 59 -1.78 5.46 -18.76
C ILE B 59 -0.71 4.42 -19.06
N PRO B 60 0.45 4.86 -19.58
CA PRO B 60 1.48 3.90 -19.99
C PRO B 60 1.91 2.94 -18.88
N GLN B 61 2.22 1.70 -19.25
CA GLN B 61 2.68 0.64 -18.33
C GLN B 61 1.80 0.46 -17.10
N ALA B 62 0.49 0.73 -17.23
CA ALA B 62 -0.44 0.57 -16.14
C ALA B 62 -1.51 -0.48 -16.45
N GLY B 63 -1.15 -1.47 -17.26
CA GLY B 63 -2.02 -2.58 -17.60
C GLY B 63 -3.35 -2.14 -18.16
N LEU B 64 -4.41 -2.76 -17.65
CA LEU B 64 -5.76 -2.47 -18.12
C LEU B 64 -6.43 -1.33 -17.35
N GLY B 65 -7.45 -0.79 -17.99
CA GLY B 65 -8.23 0.31 -17.44
C GLY B 65 -9.68 0.18 -17.88
N VAL B 66 -10.51 1.13 -17.48
CA VAL B 66 -11.93 1.06 -17.80
C VAL B 66 -12.27 2.36 -18.47
N TRP B 67 -13.09 2.29 -19.49
CA TRP B 67 -13.34 3.42 -20.36
C TRP B 67 -14.83 3.60 -20.50
N ASN B 68 -15.26 4.85 -20.62
CA ASN B 68 -16.65 5.15 -20.95
C ASN B 68 -16.77 5.03 -22.46
N GLU B 69 -17.86 4.47 -22.96
CA GLU B 69 -18.01 4.38 -24.42
C GLU B 69 -19.35 4.96 -24.87
N ALA B 70 -20.45 4.42 -24.35
CA ALA B 70 -21.75 4.82 -24.80
C ALA B 70 -21.88 6.36 -24.88
N SER B 71 -22.09 6.99 -23.74
CA SER B 71 -22.45 8.40 -23.74
C SER B 71 -22.03 9.06 -22.44
N ASP B 72 -22.30 10.36 -22.31
CA ASP B 72 -21.90 11.16 -21.15
C ASP B 72 -22.34 10.50 -19.85
N LEU B 73 -21.40 10.24 -18.95
CA LEU B 73 -21.76 9.85 -17.58
C LEU B 73 -21.96 11.12 -16.75
N PRO B 74 -23.15 11.29 -16.15
CA PRO B 74 -23.35 12.50 -15.35
C PRO B 74 -22.67 12.50 -14.00
N LEU B 75 -22.76 13.67 -13.37
CA LEU B 75 -22.29 13.88 -12.03
C LEU B 75 -23.07 13.03 -11.03
N GLY B 76 -22.39 12.62 -9.98
CA GLY B 76 -23.04 11.96 -8.85
C GLY B 76 -23.39 10.52 -9.06
N LEU B 77 -22.97 9.93 -10.19
CA LEU B 77 -23.24 8.55 -10.52
C LEU B 77 -22.39 7.67 -9.61
N HIS B 78 -23.01 6.65 -9.01
CA HIS B 78 -22.32 5.80 -8.05
C HIS B 78 -22.18 4.38 -8.63
N PHE B 79 -20.94 3.86 -8.62
CA PHE B 79 -20.68 2.51 -8.99
C PHE B 79 -20.29 1.75 -7.74
N GLY B 80 -20.62 0.48 -7.71
CA GLY B 80 -20.14 -0.44 -6.69
C GLY B 80 -21.28 -1.19 -6.08
N PRO B 81 -21.02 -1.93 -5.02
CA PRO B 81 -19.76 -1.90 -4.26
C PRO B 81 -18.60 -2.61 -4.94
N TYR B 82 -17.37 -2.26 -4.53
CA TYR B 82 -16.17 -2.99 -4.91
C TYR B 82 -16.30 -4.38 -4.29
N GLU B 83 -16.28 -5.41 -5.12
CA GLU B 83 -16.47 -6.79 -4.64
C GLU B 83 -15.12 -7.45 -4.52
N GLY B 84 -15.06 -8.47 -3.69
CA GLY B 84 -13.82 -9.14 -3.34
C GLY B 84 -13.95 -9.88 -2.02
N ARG B 85 -12.87 -10.54 -1.63
CA ARG B 85 -12.76 -11.22 -0.33
C ARG B 85 -12.52 -10.22 0.80
N ILE B 86 -13.32 -10.34 1.86
CA ILE B 86 -13.21 -9.43 3.01
C ILE B 86 -12.33 -10.10 4.07
N THR B 87 -11.28 -9.44 4.53
CA THR B 87 -10.27 -10.12 5.29
C THR B 87 -9.36 -9.18 6.09
N GLU B 88 -8.69 -9.76 7.09
CA GLU B 88 -7.65 -9.07 7.87
C GLU B 88 -6.25 -9.69 7.60
N ASP B 89 -6.14 -10.56 6.60
CA ASP B 89 -4.87 -11.19 6.22
C ASP B 89 -3.88 -10.15 5.64
N GLU B 90 -2.61 -10.27 6.05
CA GLU B 90 -1.52 -9.42 5.52
C GLU B 90 -1.30 -9.56 4.01
N GLU B 91 -1.48 -10.78 3.48
CA GLU B 91 -1.31 -11.03 2.04
C GLU B 91 -2.07 -10.04 1.15
N ALA B 92 -3.20 -9.54 1.64
CA ALA B 92 -4.03 -8.61 0.88
C ALA B 92 -3.45 -7.19 0.78
N ALA B 93 -2.72 -6.77 1.82
CA ALA B 93 -2.09 -5.45 1.85
C ALA B 93 -1.08 -5.30 0.71
N ASN B 94 -1.11 -4.12 0.06
CA ASN B 94 -0.17 -3.79 -1.00
C ASN B 94 -0.10 -4.86 -2.11
N ASN B 95 -1.24 -5.47 -2.47
CA ASN B 95 -1.23 -6.41 -3.57
C ASN B 95 -1.74 -5.75 -4.85
N GLY B 96 -2.15 -4.48 -4.78
CA GLY B 96 -2.65 -3.77 -5.94
C GLY B 96 -4.17 -3.69 -6.04
N TYR B 97 -4.90 -4.54 -5.34
CA TYR B 97 -6.36 -4.69 -5.55
C TYR B 97 -7.20 -4.62 -4.25
N SER B 98 -6.58 -4.14 -3.18
CA SER B 98 -7.23 -4.04 -1.89
C SER B 98 -7.53 -2.60 -1.56
N TRP B 99 -8.70 -2.39 -0.97
CA TRP B 99 -9.06 -1.12 -0.39
C TRP B 99 -9.23 -1.33 1.11
N LEU B 100 -9.01 -0.28 1.86
CA LEU B 100 -9.19 -0.32 3.30
C LEU B 100 -10.68 -0.12 3.58
N ILE B 101 -11.22 -0.92 4.49
CA ILE B 101 -12.55 -0.71 5.02
C ILE B 101 -12.42 -0.30 6.48
N THR B 102 -12.93 0.89 6.79
CA THR B 102 -12.88 1.40 8.13
C THR B 102 -14.04 0.88 8.98
N LYS B 103 -13.70 0.28 10.11
CA LYS B 103 -14.64 -0.36 11.05
C LYS B 103 -14.77 0.39 12.41
N GLY B 104 -13.97 1.42 12.61
CA GLY B 104 -14.03 2.16 13.88
C GLY B 104 -12.97 3.22 14.02
N ARG B 105 -12.70 3.65 15.26
CA ARG B 105 -11.59 4.57 15.52
C ARG B 105 -10.32 3.81 15.17
N ASN B 106 -9.72 4.23 14.05
CA ASN B 106 -8.50 3.67 13.51
C ASN B 106 -8.48 2.14 13.50
N CYS B 107 -9.56 1.55 13.03
CA CYS B 107 -9.74 0.10 13.03
C CYS B 107 -10.14 -0.29 11.59
N TYR B 108 -9.52 -1.31 11.01
CA TYR B 108 -9.67 -1.57 9.59
C TYR B 108 -9.69 -3.03 9.21
N GLU B 109 -10.09 -3.29 7.96
CA GLU B 109 -9.94 -4.57 7.31
C GLU B 109 -9.84 -4.30 5.81
N TYR B 110 -9.55 -5.31 5.01
CA TYR B 110 -9.38 -5.10 3.60
C TYR B 110 -10.50 -5.75 2.79
N VAL B 111 -10.82 -5.16 1.65
CA VAL B 111 -11.60 -5.83 0.61
C VAL B 111 -10.63 -6.05 -0.53
N ASP B 112 -10.33 -7.33 -0.79
CA ASP B 112 -9.23 -7.76 -1.68
C ASP B 112 -9.79 -8.25 -3.01
N GLY B 113 -9.64 -7.48 -4.07
CA GLY B 113 -10.20 -7.83 -5.36
C GLY B 113 -9.23 -8.53 -6.29
N LYS B 114 -8.15 -9.11 -5.76
CA LYS B 114 -7.13 -9.69 -6.62
C LYS B 114 -7.70 -10.85 -7.40
N ASP B 115 -8.39 -11.74 -6.70
CA ASP B 115 -8.92 -12.93 -7.34
C ASP B 115 -10.11 -12.55 -8.23
N LYS B 116 -9.92 -12.73 -9.53
CA LYS B 116 -10.88 -12.29 -10.55
C LYS B 116 -12.24 -12.97 -10.39
N SER B 117 -12.24 -14.19 -9.89
CA SER B 117 -13.45 -14.98 -9.79
C SER B 117 -14.38 -14.48 -8.67
N TRP B 118 -13.84 -13.66 -7.77
CA TRP B 118 -14.62 -13.10 -6.65
C TRP B 118 -14.84 -11.61 -6.72
N ALA B 119 -14.07 -10.94 -7.55
CA ALA B 119 -14.11 -9.49 -7.62
C ALA B 119 -15.16 -9.03 -8.63
N ASN B 120 -15.28 -7.71 -8.79
CA ASN B 120 -16.02 -7.16 -9.93
C ASN B 120 -15.13 -6.30 -10.81
N TRP B 121 -15.77 -5.71 -11.83
CA TRP B 121 -15.09 -4.89 -12.82
C TRP B 121 -14.29 -3.72 -12.24
N MET B 122 -14.66 -3.28 -11.04
CA MET B 122 -14.00 -2.11 -10.45
C MET B 122 -12.54 -2.36 -10.13
N ARG B 123 -12.15 -3.62 -10.10
CA ARG B 123 -10.75 -3.97 -9.94
C ARG B 123 -9.90 -3.46 -11.12
N TYR B 124 -10.52 -3.21 -12.26
CA TYR B 124 -9.79 -2.83 -13.46
C TYR B 124 -9.63 -1.33 -13.62
N VAL B 125 -10.25 -0.55 -12.72
CA VAL B 125 -10.17 0.92 -12.79
C VAL B 125 -8.82 1.42 -12.30
N ASN B 126 -8.14 2.20 -13.15
CA ASN B 126 -6.86 2.78 -12.77
C ASN B 126 -6.98 4.03 -11.91
N CYS B 127 -5.86 4.44 -11.31
CA CYS B 127 -5.85 5.65 -10.52
C CYS B 127 -5.46 6.85 -11.34
N ALA B 128 -6.13 7.95 -11.09
CA ALA B 128 -5.67 9.25 -11.56
C ALA B 128 -4.25 9.56 -11.09
N ARG B 129 -3.50 10.26 -11.93
CA ARG B 129 -2.17 10.79 -11.57
C ARG B 129 -2.24 12.18 -10.98
N ASP B 130 -3.33 12.89 -11.25
CA ASP B 130 -3.49 14.25 -10.75
C ASP B 130 -4.95 14.61 -10.67
N ASP B 131 -5.25 15.70 -9.97
CA ASP B 131 -6.62 16.14 -9.77
C ASP B 131 -7.32 16.43 -11.10
N GLU B 132 -6.57 16.88 -12.11
CA GLU B 132 -7.20 17.30 -13.39
C GLU B 132 -7.82 16.12 -14.18
N GLU B 133 -7.14 14.99 -14.25
CA GLU B 133 -7.67 13.80 -14.96
C GLU B 133 -8.53 12.89 -14.06
N GLN B 134 -8.58 13.18 -12.77
CA GLN B 134 -9.45 12.42 -11.88
C GLN B 134 -10.91 12.70 -12.16
N ASN B 135 -11.67 11.65 -12.45
CA ASN B 135 -13.11 11.77 -12.61
C ASN B 135 -13.91 10.82 -11.73
N LEU B 136 -13.26 10.01 -10.88
CA LEU B 136 -13.98 9.24 -9.87
C LEU B 136 -13.41 9.44 -8.46
N VAL B 137 -14.28 9.40 -7.44
CA VAL B 137 -13.87 9.42 -6.03
C VAL B 137 -14.26 8.12 -5.33
N ALA B 138 -13.27 7.40 -4.83
CA ALA B 138 -13.52 6.23 -4.03
C ALA B 138 -13.87 6.68 -2.63
N PHE B 139 -15.01 6.23 -2.09
CA PHE B 139 -15.35 6.54 -0.73
C PHE B 139 -16.10 5.40 -0.06
N GLN B 140 -16.09 5.40 1.26
CA GLN B 140 -16.77 4.37 2.01
C GLN B 140 -18.22 4.72 2.35
N TYR B 141 -19.10 3.76 2.17
CA TYR B 141 -20.53 3.85 2.46
C TYR B 141 -20.98 2.47 2.90
N HIS B 142 -21.62 2.37 4.06
CA HIS B 142 -22.07 1.10 4.62
C HIS B 142 -20.97 0.03 4.56
N ARG B 143 -19.81 0.32 5.14
CA ARG B 143 -18.71 -0.64 5.22
C ARG B 143 -18.29 -1.21 3.88
N GLN B 144 -18.46 -0.41 2.83
CA GLN B 144 -18.13 -0.82 1.49
C GLN B 144 -17.60 0.37 0.71
N ILE B 145 -16.82 0.06 -0.34
CA ILE B 145 -16.27 1.08 -1.21
C ILE B 145 -17.10 1.24 -2.47
N PHE B 146 -17.44 2.49 -2.78
CA PHE B 146 -18.12 2.89 -4.03
C PHE B 146 -17.25 3.95 -4.75
N TYR B 147 -17.40 4.08 -6.05
CA TYR B 147 -16.73 5.13 -6.82
C TYR B 147 -17.83 6.04 -7.33
N ARG B 148 -17.75 7.34 -7.04
CA ARG B 148 -18.73 8.26 -7.61
C ARG B 148 -18.07 9.20 -8.61
N THR B 149 -18.81 9.58 -9.64
CA THR B 149 -18.29 10.54 -10.61
C THR B 149 -18.18 11.91 -9.97
N CYS B 150 -17.04 12.56 -10.21
CA CYS B 150 -16.79 13.93 -9.77
C CYS B 150 -16.52 14.85 -10.95
N ARG B 151 -16.68 14.35 -12.17
CA ARG B 151 -16.84 15.19 -13.37
C ARG B 151 -17.85 14.50 -14.24
N VAL B 152 -18.36 15.20 -15.22
CA VAL B 152 -19.08 14.56 -16.30
C VAL B 152 -17.99 13.87 -17.12
N ILE B 153 -18.18 12.60 -17.43
CA ILE B 153 -17.20 11.82 -18.21
C ILE B 153 -17.76 11.63 -19.60
N ARG B 154 -17.06 12.21 -20.57
CA ARG B 154 -17.48 12.13 -21.97
C ARG B 154 -17.19 10.76 -22.58
N PRO B 155 -17.89 10.43 -23.70
CA PRO B 155 -17.56 9.20 -24.41
C PRO B 155 -16.10 9.14 -24.82
N GLY B 156 -15.50 7.97 -24.64
CA GLY B 156 -14.12 7.74 -24.99
C GLY B 156 -13.09 8.03 -23.93
N CYS B 157 -13.51 8.54 -22.77
CA CYS B 157 -12.56 8.86 -21.70
C CYS B 157 -12.42 7.71 -20.70
N GLU B 158 -11.19 7.54 -20.21
CA GLU B 158 -10.91 6.55 -19.19
C GLU B 158 -11.44 7.01 -17.85
N LEU B 159 -12.01 6.08 -17.10
CA LEU B 159 -12.38 6.31 -15.70
C LEU B 159 -11.11 6.26 -14.87
N LEU B 160 -10.83 7.33 -14.17
CA LEU B 160 -9.65 7.41 -13.31
C LEU B 160 -10.02 7.86 -11.90
N VAL B 161 -9.55 7.13 -10.89
CA VAL B 161 -10.04 7.26 -9.54
C VAL B 161 -8.97 7.63 -8.52
N TRP B 162 -9.38 8.35 -7.50
CA TRP B 162 -8.57 8.53 -6.33
C TRP B 162 -9.55 8.83 -5.18
N TYR B 163 -9.01 9.13 -4.00
CA TYR B 163 -9.81 9.31 -2.83
C TYR B 163 -9.49 10.59 -2.08
N GLY B 164 -10.29 10.86 -1.04
CA GLY B 164 -10.03 11.95 -0.11
C GLY B 164 -10.36 11.61 1.33
N ASP B 165 -10.97 12.57 2.01
CA ASP B 165 -11.26 12.43 3.43
C ASP B 165 -12.34 11.39 3.75
N GLU B 166 -13.06 10.89 2.77
CA GLU B 166 -14.10 9.91 3.05
C GLU B 166 -13.61 8.48 2.92
N TYR B 167 -12.30 8.29 2.89
CA TYR B 167 -11.77 6.95 2.70
C TYR B 167 -10.63 6.67 3.63
N GLY B 168 -10.55 5.42 4.09
CA GLY B 168 -9.32 4.87 4.66
C GLY B 168 -8.85 5.61 5.91
N GLN B 169 -7.56 5.92 5.91
CA GLN B 169 -6.85 6.50 7.06
C GLN B 169 -7.50 7.79 7.56
N GLU B 170 -7.81 8.72 6.67
CA GLU B 170 -8.45 9.96 7.08
C GLU B 170 -9.80 9.68 7.69
N LEU B 171 -10.50 8.70 7.17
CA LEU B 171 -11.81 8.34 7.69
C LEU B 171 -11.67 7.68 9.04
N GLY B 172 -10.69 6.79 9.16
CA GLY B 172 -10.44 6.08 10.41
C GLY B 172 -9.98 6.96 11.58
N ILE B 173 -9.16 7.95 11.29
CA ILE B 173 -8.59 8.74 12.35
C ILE B 173 -9.62 9.75 12.84
N LYS B 174 -10.50 10.23 11.97
CA LYS B 174 -11.59 11.14 12.39
C LYS B 174 -12.90 10.43 12.80
N TRP B 175 -12.89 9.11 12.89
CA TRP B 175 -14.13 8.36 13.04
C TRP B 175 -14.84 8.67 14.35
N GLY B 176 -16.14 8.93 14.28
CA GLY B 176 -16.96 9.29 15.44
C GLY B 176 -17.02 10.77 15.77
N SER B 177 -16.22 11.57 15.07
CA SER B 177 -16.11 12.99 15.33
C SER B 177 -17.21 13.82 14.67
N LYS B 178 -18.13 13.16 13.96
CA LYS B 178 -19.36 13.80 13.40
C LYS B 178 -19.06 14.99 12.49
N TRP B 179 -17.92 14.94 11.80
CA TRP B 179 -17.45 16.06 11.00
C TRP B 179 -18.24 16.31 9.72
N LYS B 180 -18.93 15.30 9.18
CA LYS B 180 -19.75 15.51 7.97
C LYS B 180 -21.05 16.26 8.31
N LYS B 181 -21.62 15.94 9.47
CA LYS B 181 -22.77 16.67 10.05
C LYS B 181 -22.60 18.19 9.98
N GLU B 182 -21.39 18.66 10.24
CA GLU B 182 -21.06 20.09 10.19
C GLU B 182 -21.16 20.68 8.79
N LEU B 183 -20.94 19.87 7.76
CA LEU B 183 -20.85 20.35 6.38
C LEU B 183 -22.14 20.12 5.59
N MET B 184 -23.28 20.23 6.27
CA MET B 184 -24.59 20.03 5.65
C MET B 184 -25.30 21.38 5.42
#